data_2ETM
#
_entry.id   2ETM
#
_cell.length_a   45.700
_cell.length_b   51.919
_cell.length_c   66.884
_cell.angle_alpha   100.08
_cell.angle_beta   103.94
_cell.angle_gamma   90.17
#
_symmetry.space_group_name_H-M   'P 1'
#
loop_
_entity.id
_entity.type
_entity.pdbx_description
1 polymer 'Focal adhesion kinase 1'
2 non-polymer 7-PYRIDIN-2-YL-N-(3,4,5-TRIMETHOXYPHENYL)-7H-PYRROLO[2,3-D]PYRIMIDIN-2-AMINE
3 water water
#
_entity_poly.entity_id   1
_entity_poly.type   'polypeptide(L)'
_entity_poly.pdbx_seq_one_letter_code
;GASTRDYEIQRERIELGRCIGEGQFGDVHQGIYMSPENPALAVAIKTCKNCTSDSVREKFLQEALTMRQFDHPHIVKLIG
VITENPVWIIMELCTLGELRSFLQVRKYSLDLASLILYAYQLSTALAYLESKRFVHRDIAARNVLVSSNDCVKLGDFGLS
RYMEDSTYYKASKGKLPIKWMAPESINFRRFTSASDVWMFGVCMWEILMHGVKPFQGVKNNDVIGRIENGERLPMPPNCP
PTLYSLMTKCWAYDPSRRPRFTELKAQLSTILEEEKAQQEE
;
_entity_poly.pdbx_strand_id   A,B
#
loop_
_chem_comp.id
_chem_comp.type
_chem_comp.name
_chem_comp.formula
7PY non-polymer 7-PYRIDIN-2-YL-N-(3,4,5-TRIMETHOXYPHENYL)-7H-PYRROLO[2,3-D]PYRIMIDIN-2-AMINE 'C20 H19 N5 O3'
#
# COMPACT_ATOMS: atom_id res chain seq x y z
N TYR A 7 -9.80 29.66 3.26
CA TYR A 7 -10.55 28.37 3.22
C TYR A 7 -10.38 27.63 4.53
N GLU A 8 -10.04 28.32 5.60
CA GLU A 8 -9.84 27.68 6.90
C GLU A 8 -11.05 26.84 7.30
N ILE A 9 -10.80 25.62 7.76
CA ILE A 9 -11.88 24.73 8.18
C ILE A 9 -11.71 24.49 9.68
N GLN A 10 -12.55 23.63 10.24
CA GLN A 10 -12.48 23.31 11.66
C GLN A 10 -12.65 21.79 11.80
N ARG A 11 -11.68 21.15 12.44
CA ARG A 11 -11.73 19.70 12.61
C ARG A 11 -13.12 19.24 13.01
N GLU A 12 -13.79 20.06 13.83
CA GLU A 12 -15.14 19.79 14.31
C GLU A 12 -16.12 19.40 13.21
N ARG A 13 -15.81 19.69 11.96
CA ARG A 13 -16.71 19.35 10.87
C ARG A 13 -16.15 18.29 9.96
N ILE A 14 -14.97 17.79 10.29
CA ILE A 14 -14.32 16.78 9.49
C ILE A 14 -14.34 15.40 10.14
N GLU A 15 -14.54 14.36 9.33
CA GLU A 15 -14.59 12.98 9.83
C GLU A 15 -13.56 12.09 9.15
N LEU A 16 -12.47 11.78 9.85
CA LEU A 16 -11.40 10.94 9.33
C LEU A 16 -11.91 9.52 9.06
N GLY A 17 -11.57 8.98 7.90
CA GLY A 17 -11.98 7.64 7.55
C GLY A 17 -10.77 6.81 7.15
N ARG A 18 -10.99 5.80 6.31
CA ARG A 18 -9.93 4.90 5.85
C ARG A 18 -8.71 5.56 5.19
N CYS A 19 -7.51 5.13 5.58
CA CYS A 19 -6.31 5.68 4.95
C CYS A 19 -6.42 5.27 3.50
N ILE A 20 -6.12 6.19 2.60
CA ILE A 20 -6.22 5.93 1.17
C ILE A 20 -4.89 5.85 0.47
N GLY A 21 -3.82 6.13 1.22
CA GLY A 21 -2.49 6.07 0.67
C GLY A 21 -1.53 6.93 1.45
N GLU A 22 -0.26 6.84 1.13
CA GLU A 22 0.73 7.66 1.80
C GLU A 22 1.13 8.76 0.85
N GLY A 23 1.24 9.96 1.38
CA GLY A 23 1.64 11.08 0.57
C GLY A 23 3.09 11.31 0.91
N GLN A 24 3.64 12.39 0.39
CA GLN A 24 5.03 12.73 0.62
C GLN A 24 5.27 13.21 2.06
N PHE A 25 4.21 13.71 2.71
CA PHE A 25 4.33 14.25 4.06
C PHE A 25 3.58 13.48 5.12
N GLY A 26 2.65 12.63 4.69
CA GLY A 26 1.88 11.87 5.65
C GLY A 26 0.86 11.02 4.98
N ASP A 27 0.06 10.33 5.78
CA ASP A 27 -0.98 9.46 5.28
C ASP A 27 -2.09 10.35 4.76
N VAL A 28 -2.86 9.81 3.83
CA VAL A 28 -3.99 10.51 3.24
C VAL A 28 -5.19 9.66 3.60
N HIS A 29 -6.21 10.27 4.18
CA HIS A 29 -7.40 9.57 4.56
C HIS A 29 -8.58 10.13 3.81
N GLN A 30 -9.53 9.27 3.50
CA GLN A 30 -10.74 9.71 2.86
C GLN A 30 -11.63 10.02 4.04
N GLY A 31 -12.74 10.70 3.81
CA GLY A 31 -13.61 11.06 4.93
C GLY A 31 -14.73 11.94 4.43
N ILE A 32 -15.29 12.78 5.28
CA ILE A 32 -16.38 13.65 4.86
C ILE A 32 -16.35 14.95 5.64
N TYR A 33 -16.78 16.02 5.00
CA TYR A 33 -16.85 17.31 5.67
C TYR A 33 -18.33 17.60 5.75
N MET A 34 -18.76 18.18 6.87
CA MET A 34 -20.16 18.47 7.02
C MET A 34 -20.47 19.78 7.70
N SER A 35 -21.09 20.66 6.93
CA SER A 35 -21.52 21.95 7.43
C SER A 35 -23.03 21.77 7.64
N PRO A 36 -23.54 22.11 8.84
CA PRO A 36 -24.96 21.99 9.20
C PRO A 36 -25.99 21.80 8.09
N GLU A 37 -26.84 22.80 7.88
CA GLU A 37 -27.89 22.73 6.87
C GLU A 37 -27.37 22.51 5.46
N ASN A 38 -26.13 22.04 5.37
CA ASN A 38 -25.49 21.78 4.10
C ASN A 38 -25.15 20.29 4.01
N PRO A 39 -25.44 19.68 2.86
CA PRO A 39 -25.15 18.24 2.68
C PRO A 39 -23.70 17.91 2.98
N ALA A 40 -23.46 16.69 3.48
CA ALA A 40 -22.10 16.27 3.80
C ALA A 40 -21.40 15.93 2.49
N LEU A 41 -20.14 16.32 2.35
CA LEU A 41 -19.42 16.03 1.12
C LEU A 41 -18.18 15.21 1.40
N ALA A 42 -17.92 14.22 0.55
CA ALA A 42 -16.73 13.39 0.72
C ALA A 42 -15.51 14.25 0.47
N VAL A 43 -14.40 13.93 1.13
CA VAL A 43 -13.18 14.71 0.95
C VAL A 43 -11.96 13.88 1.31
N ALA A 44 -10.82 14.28 0.78
CA ALA A 44 -9.58 13.59 1.11
C ALA A 44 -8.92 14.53 2.10
N ILE A 45 -8.23 13.97 3.09
CA ILE A 45 -7.56 14.77 4.09
C ILE A 45 -6.10 14.39 4.02
N LYS A 46 -5.27 15.30 3.53
CA LYS A 46 -3.86 15.01 3.47
C LYS A 46 -3.37 15.41 4.85
N THR A 47 -2.55 14.56 5.48
CA THR A 47 -2.02 14.89 6.80
C THR A 47 -0.53 15.02 6.62
N CYS A 48 0.15 15.55 7.62
CA CYS A 48 1.59 15.76 7.55
C CYS A 48 2.20 15.48 8.93
N LYS A 49 2.81 14.30 9.12
CA LYS A 49 3.33 13.96 10.44
C LYS A 49 4.45 14.80 11.01
N ASN A 50 5.37 15.27 10.16
CA ASN A 50 6.48 16.09 10.61
C ASN A 50 6.21 17.58 10.49
N CYS A 51 4.94 17.97 10.51
CA CYS A 51 4.62 19.38 10.33
C CYS A 51 4.83 20.33 11.46
N THR A 52 5.22 19.82 12.63
CA THR A 52 5.47 20.73 13.74
C THR A 52 6.72 21.50 13.32
N SER A 53 7.48 20.93 12.39
CA SER A 53 8.68 21.56 11.83
C SER A 53 8.24 22.62 10.83
N ASP A 54 8.56 23.89 11.09
CA ASP A 54 8.16 24.99 10.19
C ASP A 54 8.49 24.61 8.74
N SER A 55 9.71 24.16 8.54
CA SER A 55 10.19 23.74 7.24
C SER A 55 9.16 22.86 6.55
N VAL A 56 9.01 21.64 7.06
CA VAL A 56 8.10 20.68 6.49
C VAL A 56 6.69 21.21 6.25
N ARG A 57 6.22 22.10 7.12
CA ARG A 57 4.88 22.63 6.96
C ARG A 57 4.73 23.53 5.73
N GLU A 58 5.70 24.42 5.56
CA GLU A 58 5.72 25.35 4.44
C GLU A 58 5.67 24.54 3.14
N LYS A 59 6.48 23.49 3.06
CA LYS A 59 6.50 22.63 1.87
C LYS A 59 5.19 21.89 1.67
N PHE A 60 4.56 21.50 2.77
CA PHE A 60 3.29 20.78 2.75
C PHE A 60 2.10 21.66 2.34
N LEU A 61 1.97 22.82 2.97
CA LEU A 61 0.84 23.71 2.69
C LEU A 61 0.93 24.42 1.33
N GLN A 62 2.13 24.44 0.76
CA GLN A 62 2.36 25.06 -0.52
C GLN A 62 1.42 24.50 -1.58
N GLU A 63 1.14 23.20 -1.49
CA GLU A 63 0.27 22.58 -2.46
C GLU A 63 -1.10 23.19 -2.46
N ALA A 64 -1.55 23.63 -1.29
CA ALA A 64 -2.89 24.23 -1.16
C ALA A 64 -2.93 25.66 -1.70
N LEU A 65 -1.84 26.38 -1.50
CA LEU A 65 -1.73 27.75 -1.98
C LEU A 65 -1.86 27.72 -3.50
N THR A 66 -1.14 26.78 -4.11
CA THR A 66 -1.13 26.60 -5.52
C THR A 66 -2.52 26.28 -6.05
N MET A 67 -3.12 25.23 -5.50
CA MET A 67 -4.46 24.82 -5.93
C MET A 67 -5.54 25.88 -5.71
N ARG A 68 -5.31 26.77 -4.76
CA ARG A 68 -6.24 27.84 -4.42
C ARG A 68 -6.49 28.79 -5.60
N GLN A 69 -5.66 28.72 -6.62
CA GLN A 69 -5.79 29.59 -7.78
C GLN A 69 -6.62 28.98 -8.89
N PHE A 70 -6.95 27.70 -8.78
CA PHE A 70 -7.68 27.03 -9.85
C PHE A 70 -9.10 26.62 -9.59
N ASP A 71 -9.86 26.50 -10.68
CA ASP A 71 -11.25 26.10 -10.64
C ASP A 71 -11.61 25.61 -12.01
N HIS A 72 -11.48 24.30 -12.19
CA HIS A 72 -11.78 23.67 -13.44
C HIS A 72 -12.42 22.31 -13.13
N PRO A 73 -13.42 21.88 -13.92
CA PRO A 73 -14.07 20.57 -13.67
C PRO A 73 -13.15 19.36 -13.71
N HIS A 74 -11.98 19.51 -14.32
CA HIS A 74 -11.04 18.40 -14.42
C HIS A 74 -9.73 18.65 -13.71
N ILE A 75 -9.84 19.33 -12.59
CA ILE A 75 -8.68 19.58 -11.79
C ILE A 75 -9.14 19.46 -10.36
N VAL A 76 -8.54 18.51 -9.64
CA VAL A 76 -8.87 18.26 -8.25
C VAL A 76 -8.99 19.60 -7.55
N LYS A 77 -10.10 19.76 -6.84
CA LYS A 77 -10.42 20.99 -6.13
C LYS A 77 -9.98 21.06 -4.64
N LEU A 78 -9.48 22.22 -4.23
CA LEU A 78 -9.08 22.46 -2.84
C LEU A 78 -10.40 22.83 -2.17
N ILE A 79 -10.57 22.48 -0.90
CA ILE A 79 -11.81 22.80 -0.23
C ILE A 79 -11.51 23.50 1.07
N GLY A 80 -10.33 23.26 1.61
CA GLY A 80 -9.99 23.92 2.85
C GLY A 80 -8.68 23.42 3.41
N VAL A 81 -8.27 24.01 4.51
CA VAL A 81 -7.04 23.65 5.18
C VAL A 81 -7.17 23.86 6.70
N ILE A 82 -6.51 23.02 7.50
CA ILE A 82 -6.55 23.21 8.94
C ILE A 82 -5.14 23.56 9.35
N THR A 83 -4.83 24.84 9.21
CA THR A 83 -3.52 25.40 9.46
C THR A 83 -2.97 25.39 10.87
N GLU A 84 -3.78 25.01 11.86
CA GLU A 84 -3.28 25.00 13.22
C GLU A 84 -2.39 23.81 13.47
N ASN A 85 -2.98 22.70 13.89
CA ASN A 85 -2.22 21.49 14.13
C ASN A 85 -3.06 20.39 14.77
N PRO A 86 -2.91 19.13 14.31
CA PRO A 86 -1.98 18.74 13.24
C PRO A 86 -2.46 19.35 11.93
N VAL A 87 -1.53 19.85 11.13
CA VAL A 87 -1.85 20.48 9.85
C VAL A 87 -2.44 19.54 8.81
N TRP A 88 -3.65 19.84 8.35
CA TRP A 88 -4.32 19.04 7.31
C TRP A 88 -4.78 19.87 6.11
N ILE A 89 -4.77 19.27 4.92
CA ILE A 89 -5.26 19.97 3.75
C ILE A 89 -6.45 19.14 3.28
N ILE A 90 -7.62 19.76 3.21
CA ILE A 90 -8.83 19.11 2.78
C ILE A 90 -9.15 19.42 1.31
N MET A 91 -9.37 18.39 0.51
CA MET A 91 -9.72 18.57 -0.88
C MET A 91 -10.68 17.51 -1.39
N GLU A 92 -11.37 17.88 -2.47
CA GLU A 92 -12.33 17.02 -3.12
C GLU A 92 -11.91 15.58 -3.13
N LEU A 93 -12.91 14.70 -3.12
CA LEU A 93 -12.66 13.27 -3.12
C LEU A 93 -13.01 12.69 -4.46
N CYS A 94 -12.07 11.92 -4.99
CA CYS A 94 -12.26 11.25 -6.27
C CYS A 94 -12.38 9.79 -5.83
N THR A 95 -13.62 9.33 -5.73
CA THR A 95 -13.98 8.00 -5.27
C THR A 95 -13.32 6.78 -5.88
N LEU A 96 -12.96 6.83 -7.16
CA LEU A 96 -12.38 5.67 -7.81
C LEU A 96 -10.86 5.51 -7.77
N GLY A 97 -10.19 6.39 -7.04
CA GLY A 97 -8.74 6.30 -6.94
C GLY A 97 -7.89 6.88 -8.06
N GLU A 98 -6.69 6.34 -8.20
CA GLU A 98 -5.71 6.77 -9.18
C GLU A 98 -6.05 6.20 -10.54
N LEU A 99 -5.71 6.94 -11.59
CA LEU A 99 -6.01 6.50 -12.94
C LEU A 99 -5.26 5.25 -13.37
N ARG A 100 -4.03 5.07 -12.88
CA ARG A 100 -3.21 3.90 -13.22
C ARG A 100 -3.86 2.58 -12.81
N SER A 101 -4.28 2.49 -11.55
CA SER A 101 -4.93 1.28 -11.02
C SER A 101 -6.25 1.07 -11.73
N PHE A 102 -7.10 2.07 -11.65
CA PHE A 102 -8.41 2.05 -12.31
C PHE A 102 -8.29 1.49 -13.72
N LEU A 103 -7.25 1.91 -14.45
CA LEU A 103 -7.02 1.45 -15.83
C LEU A 103 -6.51 0.02 -15.92
N GLN A 104 -5.61 -0.35 -15.01
CA GLN A 104 -5.06 -1.70 -15.01
C GLN A 104 -6.16 -2.70 -14.65
N VAL A 105 -7.02 -2.31 -13.71
CA VAL A 105 -8.14 -3.14 -13.26
C VAL A 105 -9.29 -3.23 -14.25
N ARG A 106 -9.55 -2.15 -14.98
CA ARG A 106 -10.65 -2.15 -15.95
C ARG A 106 -10.18 -2.26 -17.39
N LYS A 107 -8.99 -2.79 -17.58
CA LYS A 107 -8.43 -2.93 -18.91
C LYS A 107 -9.40 -3.49 -19.92
N TYR A 108 -9.75 -4.77 -19.72
CA TYR A 108 -10.67 -5.50 -20.60
C TYR A 108 -12.12 -5.11 -20.46
N SER A 109 -12.40 -4.02 -19.73
CA SER A 109 -13.77 -3.57 -19.53
C SER A 109 -14.07 -2.13 -20.00
N LEU A 110 -13.04 -1.31 -20.11
CA LEU A 110 -13.22 0.08 -20.57
C LEU A 110 -13.11 0.14 -22.09
N ASP A 111 -14.04 0.85 -22.73
CA ASP A 111 -14.00 1.00 -24.18
C ASP A 111 -12.94 2.01 -24.62
N LEU A 112 -12.59 1.98 -25.90
CA LEU A 112 -11.60 2.89 -26.43
C LEU A 112 -12.05 4.35 -26.27
N ALA A 113 -13.31 4.63 -26.56
CA ALA A 113 -13.83 5.98 -26.45
C ALA A 113 -13.66 6.57 -25.05
N SER A 114 -13.66 5.73 -24.04
CA SER A 114 -13.50 6.25 -22.70
C SER A 114 -12.04 6.66 -22.52
N LEU A 115 -11.13 5.89 -23.12
CA LEU A 115 -9.72 6.19 -23.04
C LEU A 115 -9.45 7.56 -23.63
N ILE A 116 -9.92 7.79 -24.85
CA ILE A 116 -9.74 9.06 -25.55
C ILE A 116 -10.43 10.20 -24.82
N LEU A 117 -11.55 9.90 -24.17
CA LEU A 117 -12.28 10.90 -23.43
C LEU A 117 -11.50 11.40 -22.21
N TYR A 118 -10.73 10.50 -21.60
CA TYR A 118 -9.94 10.84 -20.42
C TYR A 118 -8.83 11.80 -20.89
N ALA A 119 -8.20 11.42 -22.00
CA ALA A 119 -7.14 12.23 -22.61
C ALA A 119 -7.73 13.60 -22.92
N TYR A 120 -8.93 13.60 -23.49
CA TYR A 120 -9.58 14.87 -23.81
C TYR A 120 -9.87 15.73 -22.59
N GLN A 121 -10.45 15.13 -21.55
CA GLN A 121 -10.76 15.90 -20.33
C GLN A 121 -9.49 16.48 -19.72
N LEU A 122 -8.40 15.72 -19.76
CA LEU A 122 -7.13 16.19 -19.22
C LEU A 122 -6.60 17.36 -20.09
N SER A 123 -6.80 17.25 -21.40
CA SER A 123 -6.34 18.30 -22.28
C SER A 123 -7.13 19.58 -21.96
N THR A 124 -8.37 19.44 -21.50
CA THR A 124 -9.14 20.65 -21.20
C THR A 124 -8.60 21.28 -19.94
N ALA A 125 -8.27 20.46 -18.94
CA ALA A 125 -7.71 21.01 -17.72
C ALA A 125 -6.37 21.71 -18.04
N LEU A 126 -5.56 21.10 -18.90
CA LEU A 126 -4.29 21.67 -19.28
C LEU A 126 -4.46 22.94 -20.14
N ALA A 127 -5.45 22.94 -21.05
CA ALA A 127 -5.73 24.13 -21.89
C ALA A 127 -6.02 25.30 -20.96
N TYR A 128 -6.72 25.01 -19.88
CA TYR A 128 -7.04 26.01 -18.88
C TYR A 128 -5.82 26.52 -18.12
N LEU A 129 -4.93 25.63 -17.71
CA LEU A 129 -3.73 26.04 -16.98
C LEU A 129 -2.81 26.85 -17.92
N GLU A 130 -2.74 26.44 -19.18
CA GLU A 130 -1.94 27.16 -20.17
C GLU A 130 -2.52 28.57 -20.36
N SER A 131 -3.83 28.74 -20.17
CA SER A 131 -4.43 30.07 -20.33
C SER A 131 -4.17 30.91 -19.10
N LYS A 132 -3.62 30.29 -18.06
CA LYS A 132 -3.33 31.05 -16.86
C LYS A 132 -1.82 31.14 -16.75
N ARG A 133 -1.18 30.64 -17.79
CA ARG A 133 0.26 30.65 -17.87
C ARG A 133 0.87 29.86 -16.69
N PHE A 134 0.21 28.76 -16.32
CA PHE A 134 0.70 27.89 -15.26
C PHE A 134 1.38 26.70 -15.87
N VAL A 135 2.57 26.39 -15.36
CA VAL A 135 3.29 25.22 -15.82
C VAL A 135 3.22 24.21 -14.67
N HIS A 136 2.59 23.07 -14.91
CA HIS A 136 2.42 22.03 -13.89
C HIS A 136 3.76 21.33 -13.52
N ARG A 137 4.39 20.75 -14.53
CA ARG A 137 5.69 20.07 -14.45
C ARG A 137 5.68 18.57 -14.34
N ASP A 138 4.58 18.00 -13.92
CA ASP A 138 4.52 16.56 -13.86
C ASP A 138 3.19 16.02 -14.30
N ILE A 139 2.95 16.01 -15.62
CA ILE A 139 1.70 15.46 -16.12
C ILE A 139 2.01 14.00 -16.38
N ALA A 140 1.38 13.12 -15.60
CA ALA A 140 1.58 11.68 -15.73
C ALA A 140 0.33 10.95 -15.23
N ALA A 141 0.04 9.79 -15.80
CA ALA A 141 -1.13 9.03 -15.37
C ALA A 141 -1.18 8.92 -13.83
N ARG A 142 -0.03 8.64 -13.23
CA ARG A 142 0.06 8.50 -11.78
C ARG A 142 -0.43 9.70 -11.02
N ASN A 143 -0.56 10.84 -11.70
CA ASN A 143 -1.01 12.04 -11.02
C ASN A 143 -2.47 12.36 -11.34
N VAL A 144 -3.15 11.43 -11.96
CA VAL A 144 -4.54 11.66 -12.29
C VAL A 144 -5.48 10.80 -11.46
N LEU A 145 -6.47 11.44 -10.84
CA LEU A 145 -7.47 10.76 -10.03
C LEU A 145 -8.76 10.59 -10.81
N VAL A 146 -9.47 9.49 -10.56
CA VAL A 146 -10.73 9.20 -11.26
C VAL A 146 -11.92 9.54 -10.37
N SER A 147 -12.82 10.39 -10.88
CA SER A 147 -14.01 10.82 -10.14
C SER A 147 -15.22 9.94 -10.47
N SER A 148 -15.27 9.42 -11.68
CA SER A 148 -16.36 8.55 -12.12
C SER A 148 -15.89 7.83 -13.37
N ASN A 149 -16.72 6.95 -13.93
CA ASN A 149 -16.30 6.23 -15.12
C ASN A 149 -16.03 7.16 -16.30
N ASP A 150 -16.62 8.36 -16.27
CA ASP A 150 -16.38 9.32 -17.35
C ASP A 150 -15.96 10.70 -16.86
N CYS A 151 -15.06 10.71 -15.87
CA CYS A 151 -14.58 11.96 -15.32
C CYS A 151 -13.26 11.77 -14.60
N VAL A 152 -12.24 12.31 -15.22
CA VAL A 152 -10.88 12.24 -14.72
C VAL A 152 -10.47 13.63 -14.24
N LYS A 153 -9.56 13.70 -13.29
CA LYS A 153 -9.11 14.97 -12.77
C LYS A 153 -7.61 14.94 -12.59
N LEU A 154 -7.00 16.12 -12.69
CA LEU A 154 -5.57 16.25 -12.58
C LEU A 154 -5.21 16.64 -11.16
N GLY A 155 -4.12 16.07 -10.65
CA GLY A 155 -3.69 16.43 -9.32
C GLY A 155 -2.19 16.59 -9.22
N ASP A 156 -1.69 16.39 -8.01
CA ASP A 156 -0.28 16.52 -7.69
C ASP A 156 0.33 17.85 -8.08
N PHE A 157 -0.26 18.93 -7.57
CA PHE A 157 0.26 20.26 -7.84
C PHE A 157 1.48 20.51 -6.95
N GLY A 158 1.56 19.73 -5.86
CA GLY A 158 2.67 19.85 -4.95
C GLY A 158 3.91 19.20 -5.53
N LEU A 159 3.74 18.53 -6.67
CA LEU A 159 4.84 17.85 -7.35
C LEU A 159 5.58 16.96 -6.37
N SER A 160 4.96 15.83 -6.04
CA SER A 160 5.54 14.89 -5.11
C SER A 160 6.83 14.26 -5.69
N ARG A 161 6.87 14.06 -7.00
CA ARG A 161 8.06 13.46 -7.62
C ARG A 161 9.32 14.30 -7.81
N TYR A 162 9.31 15.56 -7.37
CA TYR A 162 10.51 16.39 -7.52
C TYR A 162 11.19 16.76 -6.21
N MET A 163 10.75 16.18 -5.10
CA MET A 163 11.34 16.49 -3.80
C MET A 163 12.60 15.64 -3.51
N GLU A 164 13.45 16.16 -2.62
CA GLU A 164 14.72 15.51 -2.21
C GLU A 164 15.86 15.81 -3.17
N LYS A 175 13.43 10.85 -6.44
CA LYS A 175 12.78 10.38 -7.66
C LYS A 175 12.75 11.46 -8.74
N LEU A 176 13.25 11.11 -9.92
CA LEU A 176 13.23 12.03 -11.05
C LEU A 176 12.52 11.27 -12.16
N PRO A 177 11.35 11.77 -12.59
CA PRO A 177 10.56 11.12 -13.64
C PRO A 177 11.15 11.34 -15.03
N ILE A 178 12.38 10.88 -15.21
CA ILE A 178 13.09 11.02 -16.47
C ILE A 178 12.31 10.52 -17.67
N LYS A 179 11.68 9.37 -17.50
CA LYS A 179 10.88 8.76 -18.56
C LYS A 179 9.59 9.52 -18.95
N TRP A 180 9.25 10.60 -18.26
CA TRP A 180 8.04 11.40 -18.60
C TRP A 180 8.49 12.75 -19.12
N MET A 181 9.60 13.23 -18.57
CA MET A 181 10.19 14.52 -18.87
C MET A 181 10.64 14.84 -20.30
N ALA A 182 10.47 16.11 -20.67
CA ALA A 182 10.89 16.58 -21.98
C ALA A 182 12.41 16.65 -21.94
N PRO A 183 13.07 16.46 -23.08
CA PRO A 183 14.54 16.53 -23.06
C PRO A 183 15.12 17.77 -22.38
N GLU A 184 14.59 18.94 -22.72
CA GLU A 184 15.10 20.17 -22.15
C GLU A 184 14.89 20.23 -20.64
N SER A 185 13.93 19.48 -20.15
CA SER A 185 13.68 19.48 -18.72
C SER A 185 14.77 18.68 -17.99
N ILE A 186 15.16 17.58 -18.60
CA ILE A 186 16.17 16.69 -18.03
C ILE A 186 17.52 17.39 -18.10
N ASN A 187 17.90 17.72 -19.33
CA ASN A 187 19.15 18.38 -19.62
C ASN A 187 19.35 19.78 -19.06
N PHE A 188 18.30 20.61 -18.98
CA PHE A 188 18.48 21.98 -18.51
C PHE A 188 17.55 22.49 -17.43
N ARG A 189 16.70 21.60 -16.90
CA ARG A 189 15.74 22.01 -15.88
C ARG A 189 14.83 23.11 -16.44
N ARG A 190 14.56 23.07 -17.74
CA ARG A 190 13.68 24.08 -18.32
C ARG A 190 12.26 23.52 -18.34
N PHE A 191 11.34 24.14 -17.61
CA PHE A 191 9.96 23.69 -17.59
C PHE A 191 9.08 24.81 -18.14
N THR A 192 8.41 24.51 -19.24
CA THR A 192 7.52 25.45 -19.89
C THR A 192 6.26 24.73 -20.37
N SER A 193 5.24 25.50 -20.73
CA SER A 193 4.00 24.94 -21.23
C SER A 193 4.30 23.90 -22.29
N ALA A 194 5.37 24.11 -23.05
CA ALA A 194 5.78 23.16 -24.08
C ALA A 194 6.26 21.84 -23.52
N SER A 195 6.92 21.86 -22.36
CA SER A 195 7.39 20.60 -21.80
C SER A 195 6.16 19.87 -21.25
N ASP A 196 5.22 20.62 -20.68
CA ASP A 196 4.00 20.01 -20.22
C ASP A 196 3.32 19.27 -21.37
N VAL A 197 3.49 19.75 -22.61
CA VAL A 197 2.85 19.07 -23.73
C VAL A 197 3.54 17.75 -24.01
N TRP A 198 4.86 17.73 -23.86
CA TRP A 198 5.64 16.51 -24.06
C TRP A 198 5.17 15.42 -23.03
N MET A 199 4.96 15.84 -21.80
CA MET A 199 4.54 14.94 -20.73
C MET A 199 3.12 14.43 -20.99
N PHE A 200 2.24 15.35 -21.33
CA PHE A 200 0.87 15.01 -21.66
C PHE A 200 0.89 13.96 -22.76
N GLY A 201 1.87 14.05 -23.64
CA GLY A 201 1.98 13.06 -24.69
C GLY A 201 2.25 11.68 -24.10
N VAL A 202 3.16 11.60 -23.12
CA VAL A 202 3.45 10.30 -22.51
C VAL A 202 2.22 9.83 -21.70
N CYS A 203 1.54 10.76 -21.05
CA CYS A 203 0.37 10.44 -20.25
C CYS A 203 -0.74 9.86 -21.14
N MET A 204 -0.85 10.35 -22.36
CA MET A 204 -1.85 9.85 -23.29
C MET A 204 -1.49 8.43 -23.61
N TRP A 205 -0.20 8.20 -23.81
CA TRP A 205 0.34 6.88 -24.11
C TRP A 205 0.01 5.87 -22.99
N GLU A 206 0.20 6.28 -21.73
CA GLU A 206 -0.08 5.43 -20.59
C GLU A 206 -1.56 5.06 -20.60
N ILE A 207 -2.41 6.08 -20.63
CA ILE A 207 -3.85 5.89 -20.67
C ILE A 207 -4.21 4.81 -21.71
N LEU A 208 -3.66 4.95 -22.91
CA LEU A 208 -3.96 3.99 -23.95
C LEU A 208 -3.30 2.64 -23.70
N MET A 209 -2.23 2.64 -22.89
CA MET A 209 -1.52 1.39 -22.57
C MET A 209 -2.11 0.72 -21.33
N HIS A 210 -3.21 1.28 -20.86
CA HIS A 210 -3.92 0.76 -19.71
C HIS A 210 -3.15 0.84 -18.41
N GLY A 211 -2.40 1.92 -18.25
CA GLY A 211 -1.67 2.14 -17.02
C GLY A 211 -0.30 1.53 -16.92
N VAL A 212 0.25 1.08 -18.04
CA VAL A 212 1.58 0.52 -18.05
C VAL A 212 2.55 1.70 -18.13
N LYS A 213 3.69 1.61 -17.45
CA LYS A 213 4.65 2.71 -17.45
C LYS A 213 5.52 2.77 -18.70
N PRO A 214 5.90 3.99 -19.10
CA PRO A 214 6.74 4.17 -20.27
C PRO A 214 8.17 3.70 -20.06
N PHE A 215 8.74 3.06 -21.07
CA PHE A 215 10.12 2.62 -21.00
C PHE A 215 10.44 1.74 -19.82
N GLN A 216 9.54 0.86 -19.46
CA GLN A 216 9.79 0.00 -18.33
C GLN A 216 10.81 -1.02 -18.78
N GLY A 217 11.86 -1.17 -18.00
CA GLY A 217 12.89 -2.14 -18.35
C GLY A 217 14.05 -1.48 -19.07
N VAL A 218 13.98 -0.15 -19.19
CA VAL A 218 15.04 0.62 -19.83
C VAL A 218 15.59 1.57 -18.78
N LYS A 219 16.91 1.62 -18.68
CA LYS A 219 17.55 2.49 -17.71
C LYS A 219 17.37 3.92 -18.17
N ASN A 220 17.05 4.82 -17.25
CA ASN A 220 16.88 6.22 -17.60
C ASN A 220 17.92 6.65 -18.60
N ASN A 221 19.15 6.80 -18.11
CA ASN A 221 20.27 7.19 -18.95
C ASN A 221 20.11 6.69 -20.39
N ASP A 222 19.54 5.49 -20.55
CA ASP A 222 19.34 4.90 -21.87
C ASP A 222 18.19 5.52 -22.64
N VAL A 223 17.10 5.84 -21.94
CA VAL A 223 15.91 6.44 -22.54
C VAL A 223 16.33 7.77 -23.19
N ILE A 224 17.10 8.54 -22.45
CA ILE A 224 17.62 9.83 -22.90
C ILE A 224 18.30 9.76 -24.26
N GLY A 225 19.32 8.91 -24.38
CA GLY A 225 20.03 8.78 -25.62
C GLY A 225 19.21 8.26 -26.76
N ARG A 226 18.14 7.55 -26.42
CA ARG A 226 17.25 6.99 -27.43
C ARG A 226 16.38 8.09 -28.02
N ILE A 227 15.91 8.97 -27.15
CA ILE A 227 15.08 10.06 -27.60
C ILE A 227 15.90 10.82 -28.62
N GLU A 228 17.10 11.27 -28.21
CA GLU A 228 17.99 12.01 -29.10
C GLU A 228 18.26 11.26 -30.38
N ASN A 229 17.92 9.97 -30.39
CA ASN A 229 18.10 9.15 -31.58
C ASN A 229 16.87 9.22 -32.46
N GLY A 230 15.81 9.79 -31.92
CA GLY A 230 14.58 9.91 -32.66
C GLY A 230 13.60 8.81 -32.32
N GLU A 231 14.00 7.91 -31.42
CA GLU A 231 13.11 6.83 -31.02
C GLU A 231 12.06 7.40 -30.08
N ARG A 232 10.86 6.84 -30.14
CA ARG A 232 9.77 7.33 -29.32
C ARG A 232 8.95 6.14 -28.85
N LEU A 233 8.12 6.32 -27.83
CA LEU A 233 7.28 5.25 -27.35
C LEU A 233 6.51 4.67 -28.54
N PRO A 234 6.46 3.33 -28.65
CA PRO A 234 5.75 2.69 -29.76
C PRO A 234 4.26 2.97 -29.71
N MET A 235 3.58 2.73 -30.83
CA MET A 235 2.15 2.94 -30.88
C MET A 235 1.48 1.87 -30.05
N PRO A 236 0.65 2.29 -29.08
CA PRO A 236 -0.09 1.40 -28.20
C PRO A 236 -0.99 0.47 -28.99
N PRO A 237 -0.93 -0.83 -28.70
CA PRO A 237 -1.80 -1.74 -29.46
C PRO A 237 -3.23 -1.20 -29.44
N ASN A 238 -3.91 -1.30 -30.57
CA ASN A 238 -5.27 -0.81 -30.71
C ASN A 238 -5.41 0.72 -30.53
N CYS A 239 -4.32 1.46 -30.71
CA CYS A 239 -4.41 2.92 -30.61
C CYS A 239 -4.76 3.44 -32.02
N PRO A 240 -5.72 4.35 -32.14
CA PRO A 240 -6.01 4.82 -33.49
C PRO A 240 -4.75 5.54 -33.98
N PRO A 241 -4.28 5.25 -35.21
CA PRO A 241 -3.06 5.92 -35.70
C PRO A 241 -3.12 7.46 -35.62
N THR A 242 -4.33 7.99 -35.70
CA THR A 242 -4.54 9.43 -35.62
C THR A 242 -4.11 9.91 -34.23
N LEU A 243 -4.39 9.11 -33.22
CA LEU A 243 -4.04 9.47 -31.85
C LEU A 243 -2.54 9.37 -31.65
N TYR A 244 -1.94 8.31 -32.15
CA TYR A 244 -0.51 8.15 -32.01
C TYR A 244 0.22 9.27 -32.75
N SER A 245 -0.30 9.65 -33.91
CA SER A 245 0.31 10.72 -34.70
C SER A 245 0.27 12.03 -33.92
N LEU A 246 -0.72 12.17 -33.05
CA LEU A 246 -0.86 13.37 -32.24
C LEU A 246 0.14 13.32 -31.06
N MET A 247 0.45 12.12 -30.58
CA MET A 247 1.40 11.93 -29.47
C MET A 247 2.80 12.24 -30.04
N THR A 248 3.08 11.67 -31.20
CA THR A 248 4.35 11.88 -31.89
C THR A 248 4.67 13.38 -32.06
N LYS A 249 3.65 14.25 -32.13
CA LYS A 249 3.87 15.69 -32.27
C LYS A 249 4.21 16.31 -30.92
N CYS A 250 3.64 15.76 -29.86
CA CYS A 250 3.92 16.23 -28.52
C CYS A 250 5.39 15.93 -28.17
N TRP A 251 5.93 14.91 -28.83
CA TRP A 251 7.29 14.47 -28.60
C TRP A 251 8.34 15.04 -29.56
N ALA A 252 8.05 16.17 -30.19
CA ALA A 252 9.03 16.78 -31.08
C ALA A 252 10.15 17.20 -30.14
N TYR A 253 11.39 16.85 -30.48
CA TYR A 253 12.52 17.19 -29.63
C TYR A 253 12.63 18.73 -29.48
N ASP A 254 12.40 19.44 -30.58
CA ASP A 254 12.44 20.90 -30.57
C ASP A 254 11.15 21.33 -29.89
N PRO A 255 11.22 21.91 -28.69
CA PRO A 255 9.99 22.30 -28.03
C PRO A 255 9.06 23.24 -28.81
N SER A 256 9.62 24.15 -29.61
CA SER A 256 8.79 25.09 -30.36
C SER A 256 7.92 24.42 -31.41
N ARG A 257 8.28 23.20 -31.80
CA ARG A 257 7.54 22.47 -32.81
C ARG A 257 6.41 21.68 -32.22
N ARG A 258 6.26 21.73 -30.91
CA ARG A 258 5.17 20.98 -30.27
C ARG A 258 3.90 21.79 -30.28
N PRO A 259 2.75 21.12 -30.41
CA PRO A 259 1.50 21.84 -30.42
C PRO A 259 1.20 22.41 -29.04
N ARG A 260 0.19 23.27 -28.97
CA ARG A 260 -0.24 23.84 -27.70
C ARG A 260 -1.56 23.14 -27.38
N PHE A 261 -2.11 23.35 -26.19
CA PHE A 261 -3.33 22.66 -25.79
C PHE A 261 -4.63 23.06 -26.47
N THR A 262 -4.77 24.30 -26.94
CA THR A 262 -6.00 24.67 -27.63
C THR A 262 -6.14 23.73 -28.82
N GLU A 263 -5.03 23.42 -29.46
CA GLU A 263 -5.02 22.50 -30.59
C GLU A 263 -5.13 21.00 -30.22
N LEU A 264 -4.49 20.58 -29.14
CA LEU A 264 -4.59 19.16 -28.77
C LEU A 264 -6.05 18.90 -28.46
N LYS A 265 -6.60 19.80 -27.67
CA LYS A 265 -7.98 19.76 -27.26
C LYS A 265 -8.99 19.73 -28.41
N ALA A 266 -8.67 20.38 -29.53
CA ALA A 266 -9.59 20.40 -30.65
C ALA A 266 -9.50 19.12 -31.44
N GLN A 267 -8.29 18.59 -31.54
CA GLN A 267 -8.09 17.35 -32.28
C GLN A 267 -8.57 16.11 -31.52
N LEU A 268 -8.43 16.14 -30.20
CA LEU A 268 -8.88 15.03 -29.39
C LEU A 268 -10.41 14.96 -29.49
N SER A 269 -11.07 16.14 -29.51
CA SER A 269 -12.52 16.19 -29.65
C SER A 269 -12.90 15.48 -30.95
N THR A 270 -12.29 15.92 -32.04
CA THR A 270 -12.51 15.31 -33.33
C THR A 270 -12.34 13.79 -33.17
N ILE A 271 -11.11 13.34 -32.93
CA ILE A 271 -10.77 11.93 -32.76
C ILE A 271 -11.73 11.17 -31.83
N LEU A 272 -12.23 11.84 -30.79
CA LEU A 272 -13.16 11.21 -29.86
C LEU A 272 -14.51 10.94 -30.53
N GLU A 273 -14.98 11.92 -31.31
CA GLU A 273 -16.26 11.80 -32.02
C GLU A 273 -16.20 10.74 -33.13
N GLU A 274 -15.00 10.54 -33.65
CA GLU A 274 -14.76 9.58 -34.71
C GLU A 274 -14.72 8.16 -34.14
N GLU A 275 -14.28 8.03 -32.89
CA GLU A 275 -14.22 6.72 -32.25
C GLU A 275 -15.58 6.43 -31.66
N LYS A 276 -16.32 7.51 -31.38
CA LYS A 276 -17.65 7.39 -30.86
C LYS A 276 -18.51 6.77 -31.95
N ALA A 277 -18.78 7.54 -32.99
CA ALA A 277 -19.57 7.09 -34.12
C ALA A 277 -18.76 6.18 -35.03
N GLN A 278 -18.44 5.00 -34.53
CA GLN A 278 -17.66 4.02 -35.29
C GLN A 278 -17.43 2.74 -34.49
N ARG B 5 14.66 -30.10 -2.27
CA ARG B 5 14.23 -31.52 -2.47
C ARG B 5 12.72 -31.61 -2.39
N ASP B 6 12.15 -32.50 -3.20
CA ASP B 6 10.70 -32.74 -3.29
C ASP B 6 9.77 -31.57 -3.06
N TYR B 7 10.35 -30.39 -2.83
CA TYR B 7 9.61 -29.14 -2.65
C TYR B 7 10.35 -28.22 -3.60
N GLU B 8 11.41 -28.78 -4.17
CA GLU B 8 12.29 -28.15 -5.14
C GLU B 8 11.44 -27.87 -6.38
N ILE B 9 11.50 -26.65 -6.91
CA ILE B 9 10.70 -26.34 -8.10
C ILE B 9 11.52 -25.78 -9.25
N GLN B 10 10.85 -25.63 -10.41
CA GLN B 10 11.46 -25.10 -11.62
C GLN B 10 11.43 -23.57 -11.70
N ARG B 11 12.61 -22.99 -11.85
CA ARG B 11 12.76 -21.55 -11.96
C ARG B 11 11.84 -20.95 -13.03
N GLU B 12 11.69 -21.64 -14.15
CA GLU B 12 10.88 -21.16 -15.26
C GLU B 12 9.39 -21.15 -14.97
N ARG B 13 8.99 -21.84 -13.91
CA ARG B 13 7.57 -21.87 -13.57
C ARG B 13 7.24 -20.72 -12.64
N ILE B 14 8.14 -19.73 -12.59
CA ILE B 14 7.96 -18.59 -11.70
C ILE B 14 8.06 -17.23 -12.38
N GLU B 15 7.06 -16.39 -12.19
CA GLU B 15 7.09 -15.04 -12.73
C GLU B 15 7.25 -14.15 -11.51
N LEU B 16 8.46 -13.74 -11.15
CA LEU B 16 8.58 -12.86 -9.99
C LEU B 16 7.97 -11.57 -10.51
N GLY B 17 7.42 -10.73 -9.66
CA GLY B 17 6.82 -9.55 -10.21
C GLY B 17 6.26 -8.48 -9.31
N ARG B 18 7.16 -7.66 -8.81
CA ARG B 18 6.86 -6.52 -7.95
C ARG B 18 7.21 -6.87 -6.53
N CYS B 19 8.19 -6.16 -5.99
CA CYS B 19 8.67 -6.34 -4.64
C CYS B 19 7.57 -5.96 -3.66
N ILE B 20 7.32 -6.82 -2.67
CA ILE B 20 6.32 -6.49 -1.67
C ILE B 20 6.99 -6.26 -0.34
N GLY B 21 8.31 -6.09 -0.36
CA GLY B 21 9.05 -5.82 0.85
C GLY B 21 10.32 -6.63 0.97
N GLU B 22 10.94 -6.58 2.13
CA GLU B 22 12.17 -7.34 2.30
C GLU B 22 12.19 -8.14 3.58
N GLY B 23 12.87 -9.28 3.52
CA GLY B 23 13.00 -10.14 4.67
C GLY B 23 14.38 -9.90 5.24
N GLN B 24 14.79 -10.67 6.25
CA GLN B 24 16.10 -10.45 6.83
C GLN B 24 17.21 -10.85 5.86
N PHE B 25 16.87 -11.66 4.86
CA PHE B 25 17.84 -12.12 3.88
C PHE B 25 17.74 -11.51 2.49
N GLY B 26 16.71 -10.71 2.24
CA GLY B 26 16.55 -10.12 0.93
C GLY B 26 15.15 -9.68 0.59
N ASP B 27 14.97 -9.19 -0.62
CA ASP B 27 13.67 -8.73 -1.10
C ASP B 27 12.70 -9.90 -1.27
N VAL B 28 11.43 -9.64 -1.02
CA VAL B 28 10.38 -10.64 -1.21
C VAL B 28 9.51 -10.09 -2.35
N HIS B 29 9.21 -10.91 -3.36
CA HIS B 29 8.38 -10.48 -4.49
C HIS B 29 7.06 -11.22 -4.48
N GLN B 30 6.08 -10.73 -5.24
CA GLN B 30 4.77 -11.38 -5.26
C GLN B 30 4.40 -12.15 -6.50
N GLY B 31 5.39 -12.59 -7.27
CA GLY B 31 5.11 -13.32 -8.49
C GLY B 31 3.93 -14.27 -8.58
N ILE B 32 4.05 -15.26 -9.46
CA ILE B 32 3.02 -16.24 -9.65
C ILE B 32 3.69 -17.50 -10.10
N TYR B 33 3.12 -18.64 -9.71
CA TYR B 33 3.65 -19.95 -10.01
C TYR B 33 2.74 -20.75 -10.95
N MET B 34 3.34 -21.25 -12.03
CA MET B 34 2.63 -22.05 -13.03
C MET B 34 2.65 -23.52 -12.62
N SER B 35 1.96 -23.85 -11.53
CA SER B 35 1.88 -25.22 -11.02
C SER B 35 1.77 -26.27 -12.12
N PRO B 36 2.74 -27.19 -12.19
CA PRO B 36 2.73 -28.24 -13.22
C PRO B 36 1.41 -29.02 -13.23
N GLU B 37 0.94 -29.37 -12.05
CA GLU B 37 -0.29 -30.12 -11.91
C GLU B 37 -1.47 -29.29 -11.42
N ASN B 38 -1.22 -28.05 -11.02
CA ASN B 38 -2.28 -27.17 -10.53
C ASN B 38 -2.39 -25.87 -11.36
N PRO B 39 -3.55 -25.19 -11.30
CA PRO B 39 -3.78 -23.94 -12.02
C PRO B 39 -2.89 -22.85 -11.44
N ALA B 40 -2.23 -22.09 -12.30
CA ALA B 40 -1.33 -21.02 -11.88
C ALA B 40 -1.88 -20.25 -10.69
N LEU B 41 -1.06 -20.07 -9.66
CA LEU B 41 -1.50 -19.33 -8.47
C LEU B 41 -0.52 -18.26 -7.98
N ALA B 42 -1.05 -17.23 -7.34
CA ALA B 42 -0.22 -16.17 -6.83
C ALA B 42 0.59 -16.68 -5.65
N VAL B 43 1.88 -16.33 -5.63
CA VAL B 43 2.78 -16.76 -4.55
C VAL B 43 3.76 -15.69 -4.19
N ALA B 44 4.24 -15.76 -2.95
CA ALA B 44 5.24 -14.82 -2.47
C ALA B 44 6.56 -15.51 -2.76
N ILE B 45 7.59 -14.74 -3.08
CA ILE B 45 8.88 -15.30 -3.41
C ILE B 45 9.98 -14.61 -2.62
N LYS B 46 10.53 -15.31 -1.63
CA LYS B 46 11.61 -14.72 -0.83
C LYS B 46 12.94 -15.00 -1.51
N THR B 47 13.76 -13.95 -1.62
CA THR B 47 15.09 -14.07 -2.22
C THR B 47 16.11 -13.87 -1.12
N CYS B 48 17.33 -14.30 -1.42
CA CYS B 48 18.46 -14.19 -0.49
C CYS B 48 19.65 -13.72 -1.35
N LYS B 49 20.26 -12.60 -0.98
CA LYS B 49 21.38 -12.10 -1.78
C LYS B 49 22.79 -12.44 -1.32
N ASN B 50 22.92 -13.00 -0.12
CA ASN B 50 24.22 -13.41 0.40
C ASN B 50 24.30 -14.94 0.34
N CYS B 51 23.30 -15.54 -0.29
CA CYS B 51 23.23 -17.00 -0.38
C CYS B 51 24.34 -17.68 -1.16
N THR B 52 25.50 -17.04 -1.15
CA THR B 52 26.67 -17.58 -1.84
C THR B 52 27.42 -18.26 -0.69
N SER B 53 27.15 -17.79 0.53
CA SER B 53 27.72 -18.30 1.76
C SER B 53 26.90 -19.48 2.30
N ASP B 54 27.53 -20.64 2.40
CA ASP B 54 26.88 -21.86 2.86
C ASP B 54 26.13 -21.75 4.17
N SER B 55 26.73 -21.09 5.14
CA SER B 55 26.08 -20.95 6.41
C SER B 55 24.84 -20.07 6.21
N VAL B 56 24.98 -19.05 5.37
CA VAL B 56 23.87 -18.15 5.09
C VAL B 56 22.78 -18.92 4.38
N ARG B 57 23.14 -19.64 3.33
CA ARG B 57 22.14 -20.41 2.60
C ARG B 57 21.39 -21.38 3.50
N GLU B 58 22.09 -21.95 4.48
CA GLU B 58 21.46 -22.90 5.37
C GLU B 58 20.46 -22.28 6.36
N LYS B 59 20.76 -21.08 6.87
CA LYS B 59 19.84 -20.43 7.79
C LYS B 59 18.63 -19.84 7.05
N PHE B 60 18.78 -19.60 5.75
CA PHE B 60 17.70 -19.06 4.93
C PHE B 60 16.72 -20.17 4.59
N LEU B 61 17.26 -21.31 4.16
CA LEU B 61 16.48 -22.47 3.79
C LEU B 61 15.84 -23.11 5.03
N GLN B 62 16.37 -22.77 6.19
CA GLN B 62 15.88 -23.26 7.47
C GLN B 62 14.38 -22.94 7.62
N GLU B 63 13.96 -21.80 7.10
CA GLU B 63 12.57 -21.40 7.18
C GLU B 63 11.66 -22.35 6.43
N ALA B 64 12.14 -22.85 5.30
CA ALA B 64 11.37 -23.80 4.50
C ALA B 64 11.25 -25.17 5.16
N LEU B 65 12.36 -25.65 5.69
CA LEU B 65 12.38 -26.95 6.34
C LEU B 65 11.41 -26.92 7.52
N THR B 66 11.34 -25.77 8.18
CA THR B 66 10.46 -25.59 9.31
C THR B 66 9.01 -25.58 8.88
N MET B 67 8.72 -24.80 7.84
CA MET B 67 7.36 -24.65 7.32
C MET B 67 6.80 -25.90 6.67
N ARG B 68 7.70 -26.74 6.18
CA ARG B 68 7.34 -28.00 5.52
C ARG B 68 6.56 -28.96 6.42
N GLN B 69 6.71 -28.76 7.72
CA GLN B 69 6.08 -29.60 8.72
C GLN B 69 4.65 -29.23 9.03
N PHE B 70 4.28 -28.00 8.71
CA PHE B 70 2.94 -27.54 9.04
C PHE B 70 2.03 -27.48 7.83
N ASP B 71 0.74 -27.59 8.10
CA ASP B 71 -0.29 -27.53 7.08
C ASP B 71 -1.56 -27.17 7.81
N HIS B 72 -1.88 -25.89 7.82
CA HIS B 72 -3.06 -25.38 8.51
C HIS B 72 -3.64 -24.19 7.72
N PRO B 73 -4.97 -23.98 7.78
CA PRO B 73 -5.55 -22.86 7.03
C PRO B 73 -5.16 -21.48 7.54
N HIS B 74 -4.58 -21.44 8.73
CA HIS B 74 -4.18 -20.17 9.29
C HIS B 74 -2.68 -20.04 9.51
N ILE B 75 -1.93 -20.88 8.80
CA ILE B 75 -0.49 -20.81 8.85
C ILE B 75 -0.01 -20.67 7.39
N VAL B 76 0.74 -19.62 7.11
CA VAL B 76 1.27 -19.40 5.77
C VAL B 76 1.90 -20.68 5.23
N LYS B 77 1.41 -21.12 4.09
CA LYS B 77 1.88 -22.34 3.44
C LYS B 77 3.13 -22.24 2.55
N LEU B 78 3.95 -23.29 2.58
CA LEU B 78 5.17 -23.39 1.80
C LEU B 78 4.83 -24.07 0.49
N ILE B 79 5.14 -23.42 -0.62
CA ILE B 79 4.85 -23.99 -1.93
C ILE B 79 6.05 -24.70 -2.53
N GLY B 80 7.23 -24.20 -2.24
CA GLY B 80 8.44 -24.82 -2.74
C GLY B 80 9.70 -23.96 -2.54
N VAL B 81 10.84 -24.49 -2.98
CA VAL B 81 12.10 -23.77 -2.88
C VAL B 81 12.88 -24.07 -4.13
N ILE B 82 13.81 -23.19 -4.46
CA ILE B 82 14.68 -23.39 -5.61
C ILE B 82 16.06 -23.21 -5.02
N THR B 83 16.87 -24.27 -5.05
CA THR B 83 18.19 -24.22 -4.44
C THR B 83 19.40 -23.77 -5.26
N GLU B 84 19.30 -23.77 -6.59
CA GLU B 84 20.44 -23.28 -7.37
C GLU B 84 20.33 -21.77 -7.34
N ASN B 85 21.44 -21.08 -7.10
CA ASN B 85 21.42 -19.63 -7.01
C ASN B 85 20.88 -18.86 -8.23
N PRO B 86 20.15 -17.76 -8.00
CA PRO B 86 19.83 -17.24 -6.67
C PRO B 86 18.79 -18.14 -5.98
N VAL B 87 18.97 -18.30 -4.67
CA VAL B 87 18.09 -19.17 -3.88
C VAL B 87 16.79 -18.51 -3.47
N TRP B 88 15.69 -19.17 -3.83
CA TRP B 88 14.38 -18.66 -3.48
C TRP B 88 13.58 -19.67 -2.67
N ILE B 89 12.64 -19.15 -1.89
CA ILE B 89 11.69 -19.95 -1.14
C ILE B 89 10.34 -19.41 -1.64
N ILE B 90 9.53 -20.28 -2.20
CA ILE B 90 8.21 -19.91 -2.70
C ILE B 90 7.10 -20.27 -1.69
N MET B 91 6.39 -19.26 -1.24
CA MET B 91 5.30 -19.41 -0.31
C MET B 91 3.98 -18.97 -0.96
N GLU B 92 2.89 -19.18 -0.25
CA GLU B 92 1.59 -18.79 -0.77
C GLU B 92 1.47 -17.30 -0.56
N LEU B 93 0.72 -16.63 -1.42
CA LEU B 93 0.59 -15.19 -1.30
C LEU B 93 -0.63 -14.77 -0.52
N CYS B 94 -0.43 -13.81 0.38
CA CYS B 94 -1.54 -13.27 1.17
C CYS B 94 -1.80 -11.87 0.61
N THR B 95 -2.69 -11.82 -0.40
CA THR B 95 -3.00 -10.58 -1.10
C THR B 95 -3.26 -9.29 -0.32
N LEU B 96 -3.78 -9.36 0.90
CA LEU B 96 -4.04 -8.13 1.65
C LEU B 96 -2.90 -7.66 2.54
N GLY B 97 -1.74 -8.27 2.41
CA GLY B 97 -0.59 -7.82 3.20
C GLY B 97 -0.53 -8.06 4.70
N GLU B 98 0.25 -7.24 5.38
CA GLU B 98 0.47 -7.36 6.80
C GLU B 98 -0.72 -6.95 7.63
N LEU B 99 -0.91 -7.63 8.75
CA LEU B 99 -2.05 -7.37 9.62
C LEU B 99 -2.08 -6.01 10.27
N ARG B 100 -0.91 -5.50 10.67
CA ARG B 100 -0.86 -4.19 11.32
C ARG B 100 -1.39 -3.12 10.37
N SER B 101 -0.80 -3.05 9.18
CA SER B 101 -1.21 -2.07 8.19
C SER B 101 -2.69 -2.24 7.96
N PHE B 102 -3.06 -3.46 7.58
CA PHE B 102 -4.45 -3.80 7.32
C PHE B 102 -5.39 -3.24 8.39
N LEU B 103 -4.98 -3.37 9.64
CA LEU B 103 -5.80 -2.87 10.75
C LEU B 103 -5.78 -1.36 10.80
N GLN B 104 -4.60 -0.76 10.72
CA GLN B 104 -4.49 0.69 10.78
C GLN B 104 -5.36 1.29 9.68
N VAL B 105 -5.22 0.81 8.45
CA VAL B 105 -6.02 1.31 7.37
C VAL B 105 -7.53 1.22 7.69
N ARG B 106 -8.02 0.07 8.17
CA ARG B 106 -9.45 -0.03 8.46
C ARG B 106 -9.85 0.21 9.91
N LYS B 107 -9.10 1.00 10.66
CA LYS B 107 -9.45 1.22 12.06
C LYS B 107 -10.86 1.74 12.26
N TYR B 108 -11.47 2.22 11.17
CA TYR B 108 -12.82 2.76 11.24
C TYR B 108 -13.83 1.80 10.60
N SER B 109 -13.33 0.91 9.75
CA SER B 109 -14.16 -0.04 9.03
C SER B 109 -14.26 -1.46 9.60
N LEU B 110 -13.64 -1.71 10.74
CA LEU B 110 -13.71 -3.05 11.30
C LEU B 110 -14.43 -3.10 12.62
N ASP B 111 -15.42 -3.99 12.68
CA ASP B 111 -16.23 -4.20 13.89
C ASP B 111 -15.45 -5.15 14.80
N LEU B 112 -15.83 -5.19 16.07
CA LEU B 112 -15.19 -6.08 17.02
C LEU B 112 -15.14 -7.50 16.47
N ALA B 113 -16.31 -8.02 16.13
CA ALA B 113 -16.44 -9.38 15.62
C ALA B 113 -15.33 -9.79 14.65
N SER B 114 -14.83 -8.85 13.87
CA SER B 114 -13.77 -9.18 12.94
C SER B 114 -12.46 -9.27 13.69
N LEU B 115 -12.25 -8.32 14.59
CA LEU B 115 -11.02 -8.32 15.36
C LEU B 115 -10.96 -9.65 16.16
N ILE B 116 -12.00 -9.94 16.94
CA ILE B 116 -12.03 -11.17 17.73
C ILE B 116 -11.88 -12.37 16.83
N LEU B 117 -12.46 -12.32 15.62
CA LEU B 117 -12.32 -13.44 14.69
C LEU B 117 -10.86 -13.70 14.27
N TYR B 118 -10.05 -12.64 14.20
CA TYR B 118 -8.65 -12.80 13.82
C TYR B 118 -7.89 -13.42 15.00
N ALA B 119 -8.18 -12.97 16.21
CA ALA B 119 -7.55 -13.51 17.41
C ALA B 119 -7.83 -15.01 17.41
N TYR B 120 -9.10 -15.38 17.34
CA TYR B 120 -9.48 -16.79 17.33
C TYR B 120 -8.81 -17.60 16.22
N GLN B 121 -8.68 -17.04 15.02
CA GLN B 121 -8.03 -17.76 13.94
C GLN B 121 -6.53 -18.00 14.27
N LEU B 122 -5.91 -16.99 14.85
CA LEU B 122 -4.52 -17.06 15.24
C LEU B 122 -4.35 -18.13 16.33
N SER B 123 -5.30 -18.22 17.27
CA SER B 123 -5.24 -19.21 18.34
C SER B 123 -5.39 -20.61 17.78
N THR B 124 -6.16 -20.77 16.72
CA THR B 124 -6.32 -22.11 16.16
C THR B 124 -5.01 -22.56 15.52
N ALA B 125 -4.23 -21.57 15.07
CA ALA B 125 -2.96 -21.84 14.43
C ALA B 125 -1.93 -22.17 15.52
N LEU B 126 -2.00 -21.44 16.62
CA LEU B 126 -1.11 -21.64 17.72
C LEU B 126 -1.39 -22.97 18.44
N ALA B 127 -2.68 -23.34 18.54
CA ALA B 127 -3.07 -24.60 19.16
C ALA B 127 -2.52 -25.72 18.31
N TYR B 128 -2.52 -25.50 17.01
CA TYR B 128 -2.02 -26.51 16.11
C TYR B 128 -0.48 -26.65 16.18
N LEU B 129 0.22 -25.57 16.47
CA LEU B 129 1.67 -25.62 16.54
C LEU B 129 2.06 -26.26 17.88
N GLU B 130 1.33 -25.90 18.92
CA GLU B 130 1.57 -26.44 20.26
C GLU B 130 1.39 -27.97 20.18
N SER B 131 0.44 -28.41 19.38
CA SER B 131 0.17 -29.85 19.22
C SER B 131 1.30 -30.52 18.48
N LYS B 132 2.22 -29.71 17.96
CA LYS B 132 3.34 -30.25 17.23
C LYS B 132 4.62 -29.96 18.01
N ARG B 133 4.42 -29.35 19.18
CA ARG B 133 5.47 -28.97 20.11
C ARG B 133 6.45 -27.97 19.50
N PHE B 134 5.90 -27.07 18.68
CA PHE B 134 6.69 -26.05 18.03
C PHE B 134 6.51 -24.80 18.81
N VAL B 135 7.62 -24.19 19.21
CA VAL B 135 7.56 -22.94 19.92
C VAL B 135 7.93 -21.88 18.87
N HIS B 136 7.03 -20.94 18.59
CA HIS B 136 7.26 -19.92 17.57
C HIS B 136 8.33 -18.86 17.91
N ARG B 137 8.21 -18.22 19.08
CA ARG B 137 9.16 -17.22 19.57
C ARG B 137 8.89 -15.77 19.21
N ASP B 138 8.02 -15.52 18.23
CA ASP B 138 7.67 -14.16 17.87
C ASP B 138 6.24 -14.04 17.36
N ILE B 139 5.30 -14.04 18.29
CA ILE B 139 3.93 -13.91 17.91
C ILE B 139 3.57 -12.47 18.13
N ALA B 140 3.30 -11.81 17.01
CA ALA B 140 2.97 -10.39 16.97
C ALA B 140 2.18 -10.05 15.67
N ALA B 141 1.44 -8.95 15.69
CA ALA B 141 0.66 -8.58 14.51
C ALA B 141 1.52 -8.44 13.25
N ARG B 142 2.69 -7.81 13.36
CA ARG B 142 3.55 -7.64 12.18
C ARG B 142 3.91 -8.99 11.57
N ASN B 143 3.72 -10.06 12.32
CA ASN B 143 4.04 -11.37 11.79
C ASN B 143 2.84 -12.12 11.25
N VAL B 144 1.68 -11.46 11.25
CA VAL B 144 0.50 -12.08 10.70
C VAL B 144 0.16 -11.46 9.34
N LEU B 145 -0.26 -12.29 8.40
CA LEU B 145 -0.62 -11.83 7.07
C LEU B 145 -2.11 -12.00 6.79
N VAL B 146 -2.68 -11.07 6.02
CA VAL B 146 -4.11 -11.11 5.70
C VAL B 146 -4.37 -11.74 4.35
N SER B 147 -5.10 -12.84 4.33
CA SER B 147 -5.39 -13.53 3.10
C SER B 147 -6.66 -12.97 2.47
N SER B 148 -7.56 -12.51 3.33
CA SER B 148 -8.81 -11.95 2.91
C SER B 148 -9.34 -11.23 4.12
N ASN B 149 -10.45 -10.54 3.93
CA ASN B 149 -11.09 -9.78 4.99
C ASN B 149 -11.52 -10.68 6.15
N ASP B 150 -11.67 -11.96 5.88
CA ASP B 150 -12.08 -12.88 6.94
C ASP B 150 -11.10 -14.06 7.15
N CYS B 151 -9.81 -13.83 6.90
CA CYS B 151 -8.83 -14.90 7.06
C CYS B 151 -7.40 -14.43 7.15
N VAL B 152 -6.84 -14.55 8.34
CA VAL B 152 -5.47 -14.20 8.64
C VAL B 152 -4.63 -15.47 8.77
N LYS B 153 -3.34 -15.34 8.43
CA LYS B 153 -2.38 -16.43 8.50
C LYS B 153 -1.12 -16.02 9.27
N LEU B 154 -0.62 -16.94 10.08
CA LEU B 154 0.57 -16.71 10.87
C LEU B 154 1.79 -17.04 10.05
N GLY B 155 2.77 -16.15 10.10
CA GLY B 155 4.01 -16.40 9.37
C GLY B 155 5.23 -16.18 10.24
N ASP B 156 6.33 -15.87 9.56
CA ASP B 156 7.66 -15.65 10.12
C ASP B 156 8.24 -16.85 10.86
N PHE B 157 8.46 -17.92 10.10
CA PHE B 157 9.03 -19.12 10.69
C PHE B 157 10.55 -19.19 10.58
N GLY B 158 11.17 -18.09 10.18
CA GLY B 158 12.63 -18.04 10.06
C GLY B 158 13.17 -17.11 11.13
N LEU B 159 12.25 -16.60 11.95
CA LEU B 159 12.52 -15.68 13.06
C LEU B 159 13.29 -14.42 12.65
N SER B 160 12.62 -13.59 11.84
CA SER B 160 13.16 -12.32 11.36
C SER B 160 13.70 -11.49 12.53
N ARG B 161 13.26 -11.83 13.74
CA ARG B 161 13.65 -11.14 14.97
C ARG B 161 13.24 -9.69 14.94
N LEU B 176 15.71 -7.35 19.34
CA LEU B 176 14.76 -8.39 19.70
C LEU B 176 13.41 -7.81 20.11
N PRO B 177 12.34 -8.61 19.98
CA PRO B 177 10.98 -8.17 20.32
C PRO B 177 10.68 -8.10 21.81
N ILE B 178 11.55 -7.46 22.55
CA ILE B 178 11.38 -7.33 23.98
C ILE B 178 9.98 -6.94 24.42
N LYS B 179 9.33 -6.06 23.66
CA LYS B 179 7.99 -5.59 24.02
C LYS B 179 6.87 -6.60 23.88
N TRP B 180 7.18 -7.76 23.31
CA TRP B 180 6.21 -8.85 23.16
C TRP B 180 6.59 -10.05 24.01
N MET B 181 7.83 -10.08 24.48
CA MET B 181 8.35 -11.22 25.25
C MET B 181 7.90 -11.47 26.70
N ALA B 182 7.79 -12.76 27.04
CA ALA B 182 7.41 -13.18 28.37
C ALA B 182 8.58 -12.75 29.25
N PRO B 183 8.34 -12.57 30.56
CA PRO B 183 9.39 -12.16 31.51
C PRO B 183 10.57 -13.11 31.60
N GLU B 184 10.28 -14.39 31.60
CA GLU B 184 11.34 -15.36 31.71
C GLU B 184 12.12 -15.40 30.41
N SER B 185 11.49 -14.94 29.33
CA SER B 185 12.15 -14.92 28.02
C SER B 185 13.14 -13.76 28.01
N ILE B 186 12.78 -12.68 28.69
CA ILE B 186 13.64 -11.49 28.76
C ILE B 186 14.76 -11.73 29.78
N ASN B 187 14.38 -12.18 30.97
CA ASN B 187 15.32 -12.47 32.05
C ASN B 187 16.27 -13.64 31.79
N PHE B 188 15.73 -14.77 31.32
CA PHE B 188 16.57 -15.95 31.13
C PHE B 188 16.65 -16.52 29.73
N ARG B 189 16.04 -15.86 28.76
CA ARG B 189 16.10 -16.35 27.39
C ARG B 189 15.43 -17.71 27.20
N ARG B 190 14.47 -17.97 28.07
CA ARG B 190 13.70 -19.21 28.01
C ARG B 190 12.46 -19.06 27.13
N PHE B 191 12.41 -19.87 26.09
CA PHE B 191 11.29 -19.88 25.19
C PHE B 191 10.55 -21.22 25.28
N THR B 192 9.31 -21.16 25.70
CA THR B 192 8.51 -22.37 25.84
C THR B 192 7.10 -22.09 25.36
N SER B 193 6.34 -23.16 25.21
CA SER B 193 4.97 -23.07 24.78
C SER B 193 4.29 -21.95 25.54
N ALA B 194 4.67 -21.75 26.80
CA ALA B 194 4.04 -20.73 27.62
C ALA B 194 4.49 -19.29 27.36
N SER B 195 5.72 -19.12 26.89
CA SER B 195 6.15 -17.76 26.60
C SER B 195 5.36 -17.39 25.33
N ASP B 196 5.15 -18.37 24.46
CA ASP B 196 4.35 -18.11 23.27
C ASP B 196 3.00 -17.54 23.65
N VAL B 197 2.37 -18.12 24.67
CA VAL B 197 1.06 -17.64 25.11
C VAL B 197 1.14 -16.19 25.57
N TRP B 198 2.20 -15.84 26.27
CA TRP B 198 2.34 -14.47 26.73
C TRP B 198 2.37 -13.57 25.47
N MET B 199 3.13 -13.98 24.45
CA MET B 199 3.22 -13.18 23.25
C MET B 199 1.88 -13.08 22.54
N PHE B 200 1.16 -14.20 22.45
CA PHE B 200 -0.15 -14.19 21.84
C PHE B 200 -1.04 -13.14 22.50
N GLY B 201 -0.94 -13.02 23.81
CA GLY B 201 -1.74 -12.06 24.54
C GLY B 201 -1.42 -10.62 24.18
N VAL B 202 -0.19 -10.36 23.73
CA VAL B 202 0.20 -9.01 23.36
C VAL B 202 -0.33 -8.78 21.93
N CYS B 203 -0.30 -9.81 21.11
CA CYS B 203 -0.78 -9.72 19.74
C CYS B 203 -2.28 -9.41 19.80
N MET B 204 -3.02 -10.14 20.66
CA MET B 204 -4.45 -9.91 20.81
C MET B 204 -4.72 -8.45 21.16
N TRP B 205 -3.87 -7.90 22.03
CA TRP B 205 -3.97 -6.50 22.43
C TRP B 205 -3.72 -5.61 21.20
N GLU B 206 -2.71 -5.98 20.42
CA GLU B 206 -2.38 -5.23 19.22
C GLU B 206 -3.58 -5.17 18.29
N ILE B 207 -4.20 -6.33 18.10
CA ILE B 207 -5.37 -6.50 17.24
C ILE B 207 -6.55 -5.65 17.69
N LEU B 208 -6.84 -5.65 18.98
CA LEU B 208 -7.96 -4.84 19.47
C LEU B 208 -7.60 -3.35 19.54
N MET B 209 -6.33 -3.03 19.32
CA MET B 209 -5.88 -1.65 19.35
C MET B 209 -5.73 -1.12 17.93
N HIS B 210 -6.14 -1.92 16.96
CA HIS B 210 -6.07 -1.56 15.56
C HIS B 210 -4.65 -1.43 15.07
N GLY B 211 -3.84 -2.40 15.42
CA GLY B 211 -2.46 -2.42 14.99
C GLY B 211 -1.57 -1.44 15.69
N VAL B 212 -1.91 -1.06 16.92
CA VAL B 212 -1.05 -0.15 17.68
C VAL B 212 0.04 -0.99 18.35
N LYS B 213 1.25 -0.45 18.44
CA LYS B 213 2.37 -1.15 19.05
C LYS B 213 2.35 -1.07 20.57
N PRO B 214 2.67 -2.17 21.25
CA PRO B 214 2.67 -2.15 22.72
C PRO B 214 3.85 -1.33 23.24
N PHE B 215 3.68 -0.73 24.41
CA PHE B 215 4.74 0.03 25.04
C PHE B 215 5.37 1.09 24.16
N GLN B 216 4.53 1.96 23.61
CA GLN B 216 4.96 3.06 22.75
C GLN B 216 5.74 4.06 23.59
N GLY B 217 6.88 4.52 23.05
CA GLY B 217 7.68 5.49 23.77
C GLY B 217 8.24 5.00 25.09
N VAL B 218 8.61 3.73 25.10
CA VAL B 218 9.18 3.08 26.27
C VAL B 218 10.39 2.31 25.77
N LYS B 219 11.54 2.55 26.38
CA LYS B 219 12.76 1.85 25.98
C LYS B 219 12.60 0.37 26.30
N ASN B 220 13.09 -0.48 25.41
CA ASN B 220 13.01 -1.93 25.62
C ASN B 220 13.49 -2.32 27.02
N ASN B 221 14.69 -1.86 27.39
CA ASN B 221 15.28 -2.16 28.70
C ASN B 221 14.43 -1.78 29.89
N ASP B 222 13.46 -0.89 29.67
CA ASP B 222 12.56 -0.48 30.75
C ASP B 222 11.33 -1.37 30.81
N VAL B 223 11.15 -2.22 29.81
CA VAL B 223 9.99 -3.12 29.76
C VAL B 223 9.95 -4.15 30.89
N ILE B 224 11.02 -4.92 31.06
CA ILE B 224 11.00 -5.94 32.11
C ILE B 224 10.74 -5.33 33.48
N GLY B 225 11.11 -4.07 33.64
CA GLY B 225 10.88 -3.42 34.93
C GLY B 225 9.43 -3.09 35.18
N ARG B 226 8.69 -2.73 34.13
CA ARG B 226 7.28 -2.41 34.27
C ARG B 226 6.51 -3.69 34.63
N ILE B 227 6.89 -4.80 33.99
CA ILE B 227 6.24 -6.09 34.22
C ILE B 227 6.48 -6.59 35.65
N GLU B 228 7.74 -6.63 36.08
CA GLU B 228 8.05 -7.07 37.44
C GLU B 228 7.60 -6.09 38.51
N ASN B 229 6.80 -5.10 38.11
CA ASN B 229 6.21 -4.11 39.02
C ASN B 229 4.70 -4.36 38.95
N GLY B 230 4.31 -5.45 38.28
CA GLY B 230 2.90 -5.79 38.14
C GLY B 230 2.12 -5.03 37.05
N GLU B 231 2.82 -4.24 36.25
CA GLU B 231 2.16 -3.47 35.19
C GLU B 231 1.82 -4.30 33.97
N ARG B 232 0.61 -4.12 33.45
CA ARG B 232 0.19 -4.85 32.26
C ARG B 232 -0.43 -3.89 31.25
N LEU B 233 -0.45 -4.28 29.97
CA LEU B 233 -1.05 -3.44 28.93
C LEU B 233 -2.51 -3.16 29.28
N PRO B 234 -2.96 -1.89 29.13
CA PRO B 234 -4.34 -1.47 29.43
C PRO B 234 -5.42 -2.09 28.57
N MET B 235 -6.60 -2.24 29.14
CA MET B 235 -7.70 -2.81 28.41
C MET B 235 -8.06 -1.88 27.25
N PRO B 236 -7.89 -2.34 26.02
CA PRO B 236 -8.23 -1.48 24.89
C PRO B 236 -9.70 -1.06 24.89
N PRO B 237 -9.97 0.19 24.50
CA PRO B 237 -11.33 0.69 24.44
C PRO B 237 -12.18 -0.22 23.54
N ASN B 238 -13.43 -0.43 23.92
CA ASN B 238 -14.34 -1.29 23.16
C ASN B 238 -13.96 -2.79 23.27
N CYS B 239 -13.04 -3.13 24.17
CA CYS B 239 -12.64 -4.52 24.34
C CYS B 239 -13.57 -5.20 25.33
N PRO B 240 -14.28 -6.24 24.91
CA PRO B 240 -15.16 -6.89 25.89
C PRO B 240 -14.31 -7.39 27.07
N PRO B 241 -14.66 -6.97 28.30
CA PRO B 241 -13.91 -7.36 29.52
C PRO B 241 -13.58 -8.84 29.62
N THR B 242 -14.37 -9.68 28.96
CA THR B 242 -14.17 -11.12 28.95
C THR B 242 -12.93 -11.41 28.14
N LEU B 243 -12.69 -10.60 27.12
CA LEU B 243 -11.52 -10.78 26.27
C LEU B 243 -10.31 -10.28 27.05
N TYR B 244 -10.45 -9.12 27.68
CA TYR B 244 -9.33 -8.57 28.43
C TYR B 244 -8.87 -9.50 29.55
N SER B 245 -9.83 -10.09 30.27
CA SER B 245 -9.51 -10.99 31.37
C SER B 245 -8.68 -12.16 30.86
N LEU B 246 -8.99 -12.60 29.64
CA LEU B 246 -8.31 -13.70 29.02
C LEU B 246 -6.89 -13.26 28.71
N MET B 247 -6.74 -12.00 28.27
CA MET B 247 -5.42 -11.46 27.97
C MET B 247 -4.60 -11.48 29.26
N THR B 248 -5.19 -10.96 30.34
CA THR B 248 -4.55 -10.93 31.65
C THR B 248 -4.04 -12.32 32.03
N LYS B 249 -4.82 -13.36 31.76
CA LYS B 249 -4.37 -14.71 32.09
C LYS B 249 -3.09 -15.06 31.34
N CYS B 250 -3.04 -14.67 30.07
CA CYS B 250 -1.87 -14.92 29.24
C CYS B 250 -0.63 -14.24 29.81
N TRP B 251 -0.82 -13.12 30.50
CA TRP B 251 0.26 -12.35 31.07
C TRP B 251 0.51 -12.66 32.56
N ALA B 252 0.37 -13.91 32.93
CA ALA B 252 0.62 -14.28 34.31
C ALA B 252 2.14 -14.30 34.38
N TYR B 253 2.70 -13.67 35.40
CA TYR B 253 4.15 -13.67 35.54
C TYR B 253 4.61 -15.13 35.59
N ASP B 254 3.88 -15.94 36.35
CA ASP B 254 4.19 -17.36 36.45
C ASP B 254 3.73 -18.06 35.18
N PRO B 255 4.67 -18.62 34.42
CA PRO B 255 4.34 -19.31 33.18
C PRO B 255 3.45 -20.55 33.39
N SER B 256 3.61 -21.20 34.54
CA SER B 256 2.85 -22.41 34.82
C SER B 256 1.38 -22.07 35.02
N ARG B 257 1.09 -20.79 35.25
CA ARG B 257 -0.30 -20.36 35.42
C ARG B 257 -0.97 -19.85 34.14
N ARG B 258 -0.26 -19.87 33.03
CA ARG B 258 -0.82 -19.40 31.77
C ARG B 258 -1.58 -20.50 31.04
N PRO B 259 -2.80 -20.20 30.57
CA PRO B 259 -3.59 -21.18 29.84
C PRO B 259 -2.84 -21.66 28.61
N ARG B 260 -3.21 -22.84 28.12
CA ARG B 260 -2.62 -23.39 26.91
C ARG B 260 -3.57 -22.98 25.77
N PHE B 261 -3.21 -23.24 24.52
CA PHE B 261 -4.04 -22.84 23.39
C PHE B 261 -5.36 -23.60 23.17
N THR B 262 -5.44 -24.86 23.55
CA THR B 262 -6.69 -25.57 23.37
C THR B 262 -7.75 -24.80 24.17
N GLU B 263 -7.31 -24.24 25.29
CA GLU B 263 -8.19 -23.47 26.16
C GLU B 263 -8.46 -22.04 25.63
N LEU B 264 -7.42 -21.36 25.17
CA LEU B 264 -7.61 -20.00 24.66
C LEU B 264 -8.56 -20.05 23.46
N LYS B 265 -8.38 -21.06 22.63
CA LYS B 265 -9.17 -21.29 21.43
C LYS B 265 -10.66 -21.50 21.70
N ALA B 266 -10.98 -22.19 22.78
CA ALA B 266 -12.37 -22.46 23.14
C ALA B 266 -13.03 -21.21 23.71
N GLN B 267 -12.29 -20.47 24.53
CA GLN B 267 -12.80 -19.25 25.13
C GLN B 267 -12.92 -18.10 24.12
N LEU B 268 -12.05 -18.10 23.11
CA LEU B 268 -12.11 -17.10 22.07
C LEU B 268 -13.31 -17.46 21.19
N SER B 269 -13.53 -18.76 20.98
CA SER B 269 -14.65 -19.21 20.16
C SER B 269 -15.95 -18.75 20.82
N THR B 270 -15.96 -18.82 22.15
CA THR B 270 -17.11 -18.42 22.95
C THR B 270 -17.33 -16.91 22.86
N ILE B 271 -16.26 -16.15 23.06
CA ILE B 271 -16.35 -14.70 23.03
C ILE B 271 -16.78 -14.20 21.66
N LEU B 272 -16.34 -14.92 20.62
CA LEU B 272 -16.64 -14.60 19.23
C LEU B 272 -18.13 -14.77 18.96
N GLU B 273 -18.68 -15.94 19.30
CA GLU B 273 -20.10 -16.23 19.08
C GLU B 273 -21.02 -15.30 19.85
N GLU B 274 -20.56 -14.86 21.03
CA GLU B 274 -21.33 -13.96 21.85
C GLU B 274 -21.36 -12.55 21.25
N GLU B 275 -20.26 -12.14 20.62
CA GLU B 275 -20.21 -10.83 19.98
C GLU B 275 -21.05 -10.81 18.70
N LYS B 276 -20.84 -11.80 17.85
CA LYS B 276 -21.58 -11.92 16.59
C LYS B 276 -23.07 -11.96 16.76
N ALA B 277 -23.57 -12.78 17.69
CA ALA B 277 -25.03 -12.88 17.91
C ALA B 277 -25.62 -11.53 18.30
N GLN B 278 -24.85 -10.72 19.03
CA GLN B 278 -25.30 -9.41 19.46
C GLN B 278 -25.28 -8.37 18.34
N GLN B 279 -24.46 -8.60 17.33
CA GLN B 279 -24.38 -7.68 16.21
C GLN B 279 -25.31 -8.19 15.11
N GLU B 280 -25.83 -9.40 15.28
CA GLU B 280 -26.74 -9.98 14.30
C GLU B 280 -28.22 -9.87 14.69
N GLU B 281 -28.49 -9.21 15.82
CA GLU B 281 -29.86 -9.01 16.29
C GLU B 281 -30.51 -7.82 15.58
CAX 7PY C . -4.57 6.48 -3.37
OAW 7PY C . -5.50 6.47 -4.44
CAS 7PY C . -6.78 6.70 -4.01
CAR 7PY C . -7.31 7.98 -4.05
CAT 7PY C . -7.60 5.62 -3.68
OAY 7PY C . -7.09 4.36 -3.64
CAZ 7PY C . -7.16 3.76 -4.93
CAU 7PY C . -8.95 5.84 -3.39
OBA 7PY C . -9.74 4.82 -2.95
CBB 7PY C . -10.34 4.13 -4.04
CAV 7PY C . -9.47 7.13 -3.45
CAF 7PY C . -8.65 8.21 -3.78
NAE 7PY C . -9.19 9.43 -3.69
CAD 7PY C . -8.52 10.58 -3.78
NAG 7PY C . -7.14 10.59 -3.56
CAH 7PY C . -6.48 11.80 -3.28
NAC 7PY C . -9.22 11.80 -3.75
CAB 7PY C . -8.56 13.00 -3.48
CAA 7PY C . -7.18 13.00 -3.25
CAL 7PY C . -6.29 13.94 -2.95
CAK 7PY C . -5.09 13.39 -2.82
NAI 7PY C . -5.20 12.08 -3.02
CAJ 7PY C . -4.20 11.28 -2.64
CAM 7PY C . -4.28 9.93 -2.34
CAN 7PY C . -3.16 9.21 -1.92
CAO 7PY C . -1.92 9.84 -1.80
CAP 7PY C . -1.82 11.20 -2.08
NAQ 7PY C . -2.96 11.90 -2.49
CAX 7PY D . 4.98 -6.71 2.73
OAW 7PY D . 3.60 -6.95 3.02
CAS 7PY D . 2.96 -7.55 1.99
CAR 7PY D . 2.77 -8.93 2.02
CAT 7PY D . 2.30 -6.79 1.02
OAY 7PY D . 2.58 -5.46 0.89
CAZ 7PY D . 1.72 -4.66 1.72
CAU 7PY D . 1.41 -7.40 0.14
OBA 7PY D . 0.79 -6.67 -0.83
CBB 7PY D . -0.45 -6.14 -0.36
CAV 7PY D . 1.21 -8.77 0.20
CAF 7PY D . 1.89 -9.55 1.12
NAE 7PY D . 1.80 -10.87 0.98
CAD 7PY D . 2.55 -11.80 1.58
NAG 7PY D . 3.79 -11.43 2.13
CAH 7PY D . 4.74 -12.42 2.42
NAC 7PY D . 2.28 -13.15 1.36
CAB 7PY D . 3.23 -14.13 1.67
CAA 7PY D . 4.47 -13.76 2.18
CAL 7PY D . 5.56 -14.43 2.54
CAK 7PY D . 6.48 -13.58 2.97
NAI 7PY D . 5.99 -12.36 2.90
CAJ 7PY D . 6.76 -11.31 3.17
CAM 7PY D . 6.44 -9.97 3.00
CAN 7PY D . 7.33 -8.95 3.35
CAO 7PY D . 8.58 -9.25 3.88
CAP 7PY D . 8.94 -10.59 4.06
NAQ 7PY D . 8.02 -11.59 3.70
#